data_7OOM
#
_entry.id   7OOM
#
_cell.length_a   41.878
_cell.length_b   58.890
_cell.length_c   46.330
_cell.angle_alpha   90.000
_cell.angle_beta   106.650
_cell.angle_gamma   90.000
#
_symmetry.space_group_name_H-M   'P 1 21 1'
#
loop_
_entity.id
_entity.type
_entity.pdbx_description
1 polymer 'Flagelliform spidroin variant 1'
2 water water
#
_entity_poly.entity_id   1
_entity_poly.type   'polypeptide(L)'
_entity_poly.pdbx_seq_one_letter_code
;GSGNSASQSPFSNPNTAEAFARSFVSNIVSSGEFGAQGAEDFDDIIQSLIQAQSMGKGRHDTKAKAKAMQVALASSIAEL
VIAESSGGDVQRKTNVISNALRNALMSTTGSPNEEFVHEVQDLIQMLSQEQINEV
;
_entity_poly.pdbx_strand_id   A,B
#
# COMPACT_ATOMS: atom_id res chain seq x y z
N PRO A 10 13.35 2.20 10.13
CA PRO A 10 14.18 1.39 9.24
C PRO A 10 14.15 1.78 7.75
N PHE A 11 13.15 2.56 7.31
CA PHE A 11 12.99 2.97 5.88
C PHE A 11 13.63 4.36 5.72
N SER A 12 14.47 4.75 6.70
CA SER A 12 15.29 5.98 6.70
C SER A 12 16.32 5.90 5.57
N ASN A 13 17.20 4.91 5.69
CA ASN A 13 18.36 4.61 4.82
C ASN A 13 17.89 3.65 3.73
N PRO A 14 18.12 3.91 2.42
CA PRO A 14 17.88 2.90 1.40
C PRO A 14 18.68 1.61 1.60
N ASN A 15 19.82 1.65 2.30
CA ASN A 15 20.65 0.43 2.58
C ASN A 15 20.08 -0.39 3.75
N THR A 16 19.65 0.28 4.82
CA THR A 16 18.90 -0.35 5.94
C THR A 16 17.64 -1.02 5.38
N ALA A 17 16.93 -0.34 4.49
CA ALA A 17 15.67 -0.86 3.89
C ALA A 17 16.00 -2.14 3.12
N GLU A 18 17.00 -2.08 2.23
CA GLU A 18 17.50 -3.24 1.43
C GLU A 18 17.87 -4.39 2.40
N ALA A 19 18.50 -4.10 3.54
CA ALA A 19 18.99 -5.13 4.48
C ALA A 19 17.82 -5.77 5.24
N PHE A 20 16.85 -4.96 5.69
CA PHE A 20 15.59 -5.43 6.30
C PHE A 20 14.81 -6.38 5.36
N ALA A 21 14.67 -6.00 4.10
CA ALA A 21 13.94 -6.78 3.08
C ALA A 21 14.58 -8.16 2.95
N ARG A 22 15.91 -8.22 2.73
CA ARG A 22 16.66 -9.50 2.59
C ARG A 22 16.40 -10.36 3.83
N SER A 23 16.46 -9.79 5.02
CA SER A 23 16.32 -10.50 6.30
C SER A 23 14.87 -10.97 6.51
N PHE A 24 13.87 -10.15 6.16
CA PHE A 24 12.43 -10.54 6.29
C PHE A 24 12.13 -11.76 5.40
N VAL A 25 12.55 -11.71 4.14
CA VAL A 25 12.31 -12.77 3.12
C VAL A 25 13.02 -14.05 3.61
N SER A 26 14.24 -13.93 4.14
CA SER A 26 14.92 -15.10 4.75
C SER A 26 14.07 -15.69 5.89
N ASN A 27 13.45 -14.85 6.70
CA ASN A 27 12.62 -15.32 7.85
C ASN A 27 11.37 -16.04 7.32
N ILE A 28 10.84 -15.55 6.20
CA ILE A 28 9.66 -16.18 5.53
C ILE A 28 10.06 -17.58 5.01
N VAL A 29 11.18 -17.65 4.30
CA VAL A 29 11.70 -18.95 3.75
C VAL A 29 11.88 -19.93 4.90
N SER A 30 12.46 -19.49 6.02
CA SER A 30 12.83 -20.42 7.12
C SER A 30 11.60 -20.92 7.86
N SER A 31 10.43 -20.26 7.77
CA SER A 31 9.25 -20.61 8.61
C SER A 31 8.68 -22.00 8.25
N GLY A 32 8.84 -22.43 7.00
CA GLY A 32 8.15 -23.62 6.43
C GLY A 32 6.67 -23.43 6.16
N GLU A 33 6.16 -22.19 6.20
CA GLU A 33 4.71 -21.89 6.03
C GLU A 33 4.43 -21.51 4.57
N PHE A 34 5.47 -21.11 3.83
CA PHE A 34 5.32 -20.61 2.43
C PHE A 34 6.25 -21.38 1.50
N GLY A 35 5.73 -21.75 0.36
CA GLY A 35 6.51 -22.44 -0.66
C GLY A 35 7.44 -21.44 -1.34
N ALA A 36 8.07 -21.94 -2.39
CA ALA A 36 8.93 -21.22 -3.35
C ALA A 36 8.17 -19.97 -3.83
N GLN A 37 6.95 -20.14 -4.32
CA GLN A 37 6.25 -19.05 -5.05
C GLN A 37 5.81 -18.00 -4.02
N GLY A 38 5.34 -18.43 -2.83
CA GLY A 38 4.94 -17.52 -1.75
C GLY A 38 6.10 -16.65 -1.27
N ALA A 39 7.28 -17.23 -1.03
CA ALA A 39 8.45 -16.44 -0.57
C ALA A 39 8.85 -15.42 -1.66
N GLU A 40 8.84 -15.86 -2.92
CA GLU A 40 9.13 -15.05 -4.12
C GLU A 40 8.09 -13.92 -4.22
N ASP A 41 6.81 -14.21 -3.93
CA ASP A 41 5.71 -13.18 -3.97
C ASP A 41 6.16 -12.09 -2.99
N PHE A 42 6.48 -12.45 -1.73
CA PHE A 42 6.87 -11.43 -0.74
C PHE A 42 8.09 -10.68 -1.29
N ASP A 43 9.06 -11.40 -1.85
CA ASP A 43 10.34 -10.76 -2.22
C ASP A 43 10.08 -9.72 -3.31
N ASP A 44 9.31 -10.11 -4.34
CA ASP A 44 9.04 -9.25 -5.52
C ASP A 44 8.36 -7.99 -4.98
N ILE A 45 7.43 -8.17 -4.05
CA ILE A 45 6.55 -7.04 -3.65
C ILE A 45 7.35 -6.10 -2.76
N ILE A 46 8.09 -6.65 -1.80
CA ILE A 46 8.82 -5.82 -0.82
C ILE A 46 9.94 -5.10 -1.57
N GLN A 47 10.59 -5.79 -2.52
CA GLN A 47 11.76 -5.22 -3.25
C GLN A 47 11.27 -4.03 -4.08
N SER A 48 10.13 -4.18 -4.72
CA SER A 48 9.48 -3.17 -5.57
C SER A 48 9.16 -1.95 -4.72
N LEU A 49 8.55 -2.16 -3.59
CA LEU A 49 8.10 -0.98 -2.81
C LEU A 49 9.31 -0.29 -2.17
N ILE A 50 10.33 -1.06 -1.76
CA ILE A 50 11.56 -0.48 -1.15
C ILE A 50 12.20 0.41 -2.20
N GLN A 51 12.29 -0.09 -3.43
CA GLN A 51 12.98 0.63 -4.54
C GLN A 51 12.23 1.93 -4.85
N ALA A 52 10.89 1.87 -4.92
CA ALA A 52 10.00 3.05 -5.13
C ALA A 52 10.18 4.09 -4.02
N GLN A 53 10.28 3.67 -2.74
CA GLN A 53 10.41 4.59 -1.58
C GLN A 53 11.55 5.57 -1.83
N SER A 54 12.46 5.29 -2.77
CA SER A 54 13.50 6.23 -3.26
C SER A 54 12.87 7.22 -4.25
N HIS A 60 12.42 16.05 -3.46
CA HIS A 60 12.76 16.10 -2.00
C HIS A 60 11.62 15.49 -1.16
N ASP A 61 11.99 14.81 -0.08
CA ASP A 61 11.04 14.02 0.76
C ASP A 61 10.18 15.01 1.57
N THR A 62 8.95 14.63 1.85
CA THR A 62 8.12 15.29 2.88
C THR A 62 7.73 14.21 3.89
N LYS A 63 7.38 14.61 5.11
CA LYS A 63 6.83 13.67 6.12
C LYS A 63 5.59 12.96 5.56
N ALA A 64 4.67 13.68 4.91
CA ALA A 64 3.44 13.09 4.32
C ALA A 64 3.79 11.92 3.39
N LYS A 65 4.78 12.10 2.51
CA LYS A 65 5.15 11.08 1.49
C LYS A 65 5.77 9.86 2.18
N ALA A 66 6.57 10.09 3.19
CA ALA A 66 7.20 9.00 3.98
C ALA A 66 6.08 8.18 4.60
N LYS A 67 5.09 8.84 5.19
CA LYS A 67 3.97 8.09 5.82
C LYS A 67 3.27 7.26 4.74
N ALA A 68 3.07 7.79 3.53
CA ALA A 68 2.27 7.13 2.47
C ALA A 68 3.01 5.86 2.05
N MET A 69 4.32 5.99 1.90
CA MET A 69 5.15 4.83 1.49
C MET A 69 5.20 3.76 2.59
N GLN A 70 5.23 4.14 3.87
CA GLN A 70 5.27 3.16 4.98
C GLN A 70 3.96 2.38 5.03
N VAL A 71 2.85 3.08 4.85
CA VAL A 71 1.53 2.44 4.74
C VAL A 71 1.43 1.59 3.48
N ALA A 72 1.97 1.99 2.34
CA ALA A 72 1.93 1.19 1.11
C ALA A 72 2.67 -0.12 1.39
N LEU A 73 3.79 -0.07 2.13
CA LEU A 73 4.57 -1.32 2.36
C LEU A 73 3.76 -2.22 3.31
N ALA A 74 3.27 -1.65 4.41
CA ALA A 74 2.47 -2.40 5.42
C ALA A 74 1.28 -3.09 4.73
N SER A 75 0.56 -2.34 3.89
N SER A 75 0.55 -2.35 3.89
CA SER A 75 -0.67 -2.81 3.19
CA SER A 75 -0.67 -2.85 3.20
C SER A 75 -0.34 -3.93 2.19
C SER A 75 -0.31 -3.98 2.22
N SER A 76 0.81 -3.85 1.51
CA SER A 76 1.24 -4.84 0.51
C SER A 76 1.51 -6.16 1.25
N ILE A 77 2.14 -6.07 2.44
CA ILE A 77 2.50 -7.29 3.20
C ILE A 77 1.19 -7.91 3.70
N ALA A 78 0.28 -7.08 4.23
CA ALA A 78 -1.00 -7.56 4.77
C ALA A 78 -1.82 -8.25 3.69
N GLU A 79 -1.91 -7.65 2.51
CA GLU A 79 -2.71 -8.20 1.38
C GLU A 79 -2.11 -9.52 0.91
N LEU A 80 -0.79 -9.67 0.91
CA LEU A 80 -0.17 -10.97 0.57
C LEU A 80 -0.53 -12.04 1.56
N VAL A 81 -0.54 -11.74 2.85
CA VAL A 81 -0.99 -12.75 3.87
C VAL A 81 -2.36 -13.32 3.49
N ILE A 82 -3.32 -12.44 3.20
N ILE A 82 -3.32 -12.43 3.20
CA ILE A 82 -4.70 -12.83 2.82
CA ILE A 82 -4.70 -12.80 2.81
C ILE A 82 -4.67 -13.60 1.48
C ILE A 82 -4.67 -13.59 1.50
N ALA A 83 -4.02 -13.06 0.46
CA ALA A 83 -4.01 -13.66 -0.88
C ALA A 83 -3.29 -15.03 -0.83
N GLU A 84 -2.32 -15.21 0.05
CA GLU A 84 -1.59 -16.49 0.12
C GLU A 84 -2.40 -17.47 0.96
N SER A 85 -3.31 -16.98 1.82
CA SER A 85 -4.01 -17.83 2.83
C SER A 85 -5.28 -18.42 2.20
N SER A 86 -5.88 -19.40 2.87
CA SER A 86 -7.18 -20.01 2.46
C SER A 86 -8.27 -19.72 3.49
N GLY A 87 -8.33 -18.52 4.08
CA GLY A 87 -9.34 -18.17 5.10
C GLY A 87 -8.99 -18.70 6.50
N GLY A 88 -9.15 -20.01 6.74
CA GLY A 88 -9.01 -20.66 8.06
C GLY A 88 -7.58 -20.61 8.59
N ASP A 89 -6.58 -20.49 7.73
CA ASP A 89 -5.15 -20.37 8.15
C ASP A 89 -4.67 -18.90 8.21
N VAL A 90 -5.55 -17.90 8.16
CA VAL A 90 -5.09 -16.48 8.19
C VAL A 90 -4.43 -16.16 9.55
N GLN A 91 -4.95 -16.70 10.66
N GLN A 91 -4.98 -16.70 10.65
CA GLN A 91 -4.36 -16.41 11.99
CA GLN A 91 -4.45 -16.52 12.03
C GLN A 91 -2.95 -17.03 12.06
C GLN A 91 -3.01 -17.05 12.09
N ARG A 92 -2.80 -18.26 11.58
CA ARG A 92 -1.46 -18.93 11.60
C ARG A 92 -0.48 -18.11 10.75
N LYS A 93 -0.88 -17.74 9.55
CA LYS A 93 0.02 -16.98 8.65
C LYS A 93 0.25 -15.57 9.20
N THR A 94 -0.73 -14.97 9.87
CA THR A 94 -0.54 -13.65 10.52
C THR A 94 0.57 -13.74 11.60
N ASN A 95 0.55 -14.79 12.42
CA ASN A 95 1.54 -15.00 13.51
C ASN A 95 2.91 -15.26 12.89
N VAL A 96 2.98 -16.05 11.82
CA VAL A 96 4.29 -16.31 11.15
C VAL A 96 4.85 -15.02 10.56
N ILE A 97 4.03 -14.22 9.88
CA ILE A 97 4.53 -12.97 9.25
C ILE A 97 4.88 -11.97 10.35
N SER A 98 4.10 -11.87 11.41
CA SER A 98 4.38 -10.98 12.58
C SER A 98 5.76 -11.32 13.20
N ASN A 99 6.03 -12.61 13.41
N ASN A 99 6.02 -12.61 13.40
CA ASN A 99 7.33 -13.12 13.95
CA ASN A 99 7.29 -13.15 13.95
C ASN A 99 8.46 -12.75 13.00
C ASN A 99 8.45 -12.77 13.00
N ALA A 100 8.34 -13.06 11.70
CA ALA A 100 9.34 -12.75 10.66
C ALA A 100 9.61 -11.25 10.65
N LEU A 101 8.57 -10.42 10.75
CA LEU A 101 8.71 -8.94 10.69
C LEU A 101 9.50 -8.45 11.93
N ARG A 102 8.98 -8.75 13.11
CA ARG A 102 9.59 -8.38 14.42
C ARG A 102 11.07 -8.78 14.36
N ASN A 103 11.38 -9.99 13.92
CA ASN A 103 12.77 -10.52 13.99
C ASN A 103 13.68 -9.77 13.03
N ALA A 104 13.26 -9.48 11.79
CA ALA A 104 14.03 -8.76 10.78
C ALA A 104 14.25 -7.30 11.23
N LEU A 105 13.24 -6.69 11.84
CA LEU A 105 13.34 -5.30 12.31
C LEU A 105 14.37 -5.25 13.46
N MET A 106 14.30 -6.24 14.35
CA MET A 106 15.15 -6.30 15.59
C MET A 106 16.58 -6.58 15.13
N SER A 107 16.81 -7.45 14.12
CA SER A 107 18.17 -7.84 13.69
C SER A 107 18.77 -6.73 12.82
N THR A 108 17.99 -5.92 12.12
CA THR A 108 18.54 -4.90 11.21
C THR A 108 18.60 -3.54 11.90
N THR A 109 17.81 -3.30 12.96
CA THR A 109 17.72 -1.94 13.56
C THR A 109 17.98 -1.94 15.08
N GLY A 110 17.98 -3.11 15.73
CA GLY A 110 17.98 -3.25 17.20
C GLY A 110 16.63 -2.95 17.84
N SER A 111 15.61 -2.52 17.06
CA SER A 111 14.24 -2.19 17.54
C SER A 111 13.19 -3.04 16.84
N PRO A 112 12.10 -3.44 17.54
CA PRO A 112 11.01 -4.21 16.91
C PRO A 112 9.91 -3.45 16.15
N ASN A 113 9.93 -2.12 16.22
N ASN A 113 10.03 -2.13 16.03
CA ASN A 113 9.04 -1.25 15.42
CA ASN A 113 8.99 -1.20 15.46
C ASN A 113 7.60 -1.76 15.57
C ASN A 113 7.60 -1.82 15.59
N GLU A 114 7.12 -1.87 16.82
CA GLU A 114 5.75 -2.33 17.17
C GLU A 114 4.67 -1.56 16.37
N GLU A 115 4.86 -0.27 16.06
CA GLU A 115 3.84 0.53 15.31
C GLU A 115 3.64 -0.09 13.92
N PHE A 116 4.73 -0.38 13.21
CA PHE A 116 4.72 -0.98 11.86
C PHE A 116 4.03 -2.34 11.92
N VAL A 117 4.34 -3.14 12.95
CA VAL A 117 3.70 -4.48 13.09
C VAL A 117 2.20 -4.31 13.37
N HIS A 118 1.85 -3.40 14.26
CA HIS A 118 0.42 -3.11 14.57
C HIS A 118 -0.33 -2.76 13.28
N GLU A 119 0.28 -1.91 12.41
CA GLU A 119 -0.36 -1.44 11.16
C GLU A 119 -0.66 -2.67 10.28
N VAL A 120 0.32 -3.55 10.11
CA VAL A 120 0.19 -4.76 9.26
C VAL A 120 -0.94 -5.62 9.84
N GLN A 121 -0.98 -5.82 11.16
CA GLN A 121 -2.00 -6.69 11.80
C GLN A 121 -3.38 -6.11 11.62
N ASP A 122 -3.54 -4.80 11.89
CA ASP A 122 -4.80 -4.05 11.67
C ASP A 122 -5.20 -4.18 10.20
N LEU A 123 -4.26 -3.97 9.27
CA LEU A 123 -4.57 -4.05 7.82
C LEU A 123 -5.02 -5.47 7.42
N ILE A 124 -4.31 -6.51 7.87
CA ILE A 124 -4.73 -7.92 7.65
C ILE A 124 -6.19 -8.08 8.11
N GLN A 125 -6.55 -7.59 9.29
CA GLN A 125 -7.92 -7.85 9.80
C GLN A 125 -8.94 -7.09 8.93
N MET A 126 -8.70 -5.82 8.59
CA MET A 126 -9.60 -5.00 7.74
C MET A 126 -9.69 -5.67 6.37
N LEU A 127 -8.57 -6.09 5.75
CA LEU A 127 -8.60 -6.60 4.36
C LEU A 127 -9.25 -7.98 4.28
N SER A 128 -9.21 -8.79 5.34
CA SER A 128 -9.93 -10.09 5.37
C SER A 128 -11.41 -9.88 5.05
N GLN A 129 -11.94 -8.66 5.11
CA GLN A 129 -13.39 -8.40 4.83
C GLN A 129 -13.64 -7.63 3.53
N GLU A 130 -12.60 -7.23 2.78
CA GLU A 130 -12.81 -6.43 1.54
C GLU A 130 -13.29 -7.36 0.41
N GLN A 131 -14.05 -6.80 -0.52
CA GLN A 131 -14.55 -7.53 -1.73
C GLN A 131 -13.40 -8.11 -2.56
N ILE A 132 -12.23 -7.45 -2.63
CA ILE A 132 -11.07 -8.01 -3.43
C ILE A 132 -10.65 -9.39 -2.91
N ASN A 133 -11.05 -9.75 -1.69
CA ASN A 133 -10.62 -10.99 -0.99
C ASN A 133 -11.82 -11.90 -0.64
N GLU A 134 -13.03 -11.62 -1.15
CA GLU A 134 -14.29 -12.31 -0.75
C GLU A 134 -14.33 -13.72 -1.36
N PHE B 11 -4.96 -1.55 -14.03
CA PHE B 11 -3.60 -1.18 -13.49
C PHE B 11 -2.50 -2.14 -13.97
N SER B 12 -2.86 -3.27 -14.62
CA SER B 12 -1.91 -4.24 -15.21
C SER B 12 -1.33 -3.67 -16.52
N ASN B 13 -2.08 -2.78 -17.19
CA ASN B 13 -1.66 -2.17 -18.47
C ASN B 13 -0.92 -0.86 -18.20
N PRO B 14 0.41 -0.84 -18.38
CA PRO B 14 1.21 0.35 -18.12
C PRO B 14 0.65 1.61 -18.82
N ASN B 15 0.13 1.45 -20.04
CA ASN B 15 -0.30 2.65 -20.81
C ASN B 15 -1.49 3.28 -20.06
N THR B 16 -2.45 2.44 -19.64
CA THR B 16 -3.63 2.85 -18.85
C THR B 16 -3.12 3.47 -17.54
N ALA B 17 -2.26 2.77 -16.80
CA ALA B 17 -1.74 3.18 -15.46
C ALA B 17 -1.33 4.65 -15.51
N GLU B 18 -0.43 4.98 -16.44
N GLU B 18 -0.46 5.02 -16.43
CA GLU B 18 0.16 6.33 -16.61
CA GLU B 18 0.12 6.38 -16.48
C GLU B 18 -0.95 7.36 -16.86
C GLU B 18 -0.97 7.39 -16.85
N ALA B 19 -1.91 7.03 -17.74
CA ALA B 19 -3.00 7.96 -18.14
C ALA B 19 -3.90 8.19 -16.93
N PHE B 20 -4.18 7.11 -16.19
CA PHE B 20 -4.98 7.14 -14.95
C PHE B 20 -4.28 8.09 -13.96
N ALA B 21 -2.95 7.99 -13.82
CA ALA B 21 -2.17 8.82 -12.88
C ALA B 21 -2.39 10.28 -13.23
N ARG B 22 -2.21 10.63 -14.50
CA ARG B 22 -2.31 12.02 -14.99
C ARG B 22 -3.73 12.54 -14.78
N SER B 23 -4.74 11.75 -15.13
CA SER B 23 -6.17 12.16 -15.03
C SER B 23 -6.55 12.36 -13.55
N PHE B 24 -6.26 11.37 -12.71
CA PHE B 24 -6.50 11.44 -11.24
C PHE B 24 -5.91 12.73 -10.66
N VAL B 25 -4.65 13.02 -10.95
CA VAL B 25 -3.95 14.22 -10.37
C VAL B 25 -4.61 15.50 -10.92
N SER B 26 -4.97 15.51 -12.20
N SER B 26 -4.97 15.51 -12.20
CA SER B 26 -5.73 16.64 -12.81
CA SER B 26 -5.74 16.63 -12.83
C SER B 26 -7.00 16.88 -12.01
C SER B 26 -7.02 16.88 -12.04
N ASN B 27 -7.74 15.81 -11.72
CA ASN B 27 -9.03 15.87 -10.99
C ASN B 27 -8.80 16.40 -9.58
N ILE B 28 -7.74 15.99 -8.92
CA ILE B 28 -7.37 16.52 -7.57
C ILE B 28 -7.12 18.03 -7.69
N VAL B 29 -6.28 18.47 -8.65
CA VAL B 29 -6.00 19.93 -8.86
C VAL B 29 -7.29 20.72 -9.13
N SER B 30 -8.20 20.22 -9.98
N SER B 30 -8.20 20.22 -9.99
CA SER B 30 -9.44 20.94 -10.37
CA SER B 30 -9.46 20.91 -10.38
C SER B 30 -10.43 21.03 -9.21
C SER B 30 -10.37 21.07 -9.16
N SER B 31 -10.39 20.08 -8.26
CA SER B 31 -11.34 20.03 -7.12
C SER B 31 -11.22 21.31 -6.29
N GLY B 32 -9.99 21.84 -6.15
CA GLY B 32 -9.69 23.03 -5.33
C GLY B 32 -9.61 22.67 -3.86
N GLU B 33 -9.82 21.39 -3.52
CA GLU B 33 -9.88 20.92 -2.14
C GLU B 33 -8.46 20.75 -1.61
N PHE B 34 -7.49 20.52 -2.49
CA PHE B 34 -6.10 20.27 -2.08
C PHE B 34 -5.25 21.40 -2.64
N GLY B 35 -4.27 21.83 -1.85
CA GLY B 35 -3.35 22.91 -2.23
C GLY B 35 -2.24 22.35 -3.06
N ALA B 36 -1.27 23.19 -3.35
CA ALA B 36 -0.21 22.87 -4.31
C ALA B 36 0.64 21.73 -3.74
N GLN B 37 0.90 21.73 -2.44
CA GLN B 37 1.80 20.71 -1.84
C GLN B 37 1.10 19.34 -1.87
N GLY B 38 -0.16 19.34 -1.54
CA GLY B 38 -1.02 18.15 -1.58
C GLY B 38 -1.00 17.53 -2.95
N ALA B 39 -1.26 18.32 -3.99
CA ALA B 39 -1.29 17.81 -5.38
C ALA B 39 0.08 17.23 -5.75
N GLU B 40 1.17 17.92 -5.40
CA GLU B 40 2.56 17.44 -5.59
C GLU B 40 2.79 16.09 -4.89
N ASP B 41 2.40 15.96 -3.61
CA ASP B 41 2.54 14.70 -2.82
C ASP B 41 1.78 13.56 -3.55
N PHE B 42 0.53 13.77 -3.94
CA PHE B 42 -0.26 12.79 -4.73
C PHE B 42 0.50 12.39 -6.01
N ASP B 43 0.99 13.37 -6.76
CA ASP B 43 1.66 13.07 -8.05
C ASP B 43 2.87 12.15 -7.82
N ASP B 44 3.73 12.51 -6.88
CA ASP B 44 5.01 11.81 -6.61
C ASP B 44 4.69 10.38 -6.20
N ILE B 45 3.76 10.21 -5.26
CA ILE B 45 3.39 8.90 -4.65
C ILE B 45 2.74 8.01 -5.71
N ILE B 46 1.77 8.53 -6.46
CA ILE B 46 1.09 7.73 -7.51
C ILE B 46 2.10 7.35 -8.60
N GLN B 47 3.03 8.24 -8.98
CA GLN B 47 4.07 7.84 -9.98
C GLN B 47 4.98 6.74 -9.45
N SER B 48 5.37 6.77 -8.17
CA SER B 48 6.24 5.75 -7.55
C SER B 48 5.50 4.42 -7.54
N LEU B 49 4.22 4.48 -7.22
CA LEU B 49 3.47 3.20 -7.08
C LEU B 49 3.21 2.58 -8.48
N ILE B 50 3.13 3.36 -9.56
CA ILE B 50 3.08 2.80 -10.96
C ILE B 50 4.36 2.02 -11.28
N GLN B 51 5.52 2.63 -11.06
CA GLN B 51 6.83 1.97 -11.23
C GLN B 51 6.84 0.69 -10.39
N ALA B 52 6.33 0.76 -9.16
CA ALA B 52 6.29 -0.41 -8.26
C ALA B 52 5.42 -1.53 -8.85
N GLN B 53 4.29 -1.19 -9.45
CA GLN B 53 3.30 -2.13 -10.07
C GLN B 53 4.01 -2.92 -11.18
N SER B 54 4.82 -2.23 -11.99
CA SER B 54 5.61 -2.89 -13.07
C SER B 54 6.68 -3.80 -12.46
N MET B 55 7.51 -3.26 -11.58
N MET B 55 7.46 -3.23 -11.55
CA MET B 55 8.63 -3.98 -10.89
CA MET B 55 8.62 -3.86 -10.85
C MET B 55 8.05 -5.17 -10.13
C MET B 55 8.13 -5.04 -10.01
N GLY B 56 6.87 -5.01 -9.52
CA GLY B 56 6.26 -6.07 -8.69
C GLY B 56 5.94 -7.33 -9.50
N LYS B 57 5.85 -7.22 -10.83
CA LYS B 57 5.62 -8.41 -11.71
C LYS B 57 6.77 -9.43 -11.56
N GLY B 58 7.99 -8.97 -11.28
CA GLY B 58 9.22 -9.76 -11.24
C GLY B 58 9.23 -10.79 -12.37
N ARG B 59 9.68 -12.00 -12.04
CA ARG B 59 10.01 -13.08 -13.00
C ARG B 59 8.73 -13.63 -13.63
N HIS B 60 7.63 -13.65 -12.88
CA HIS B 60 6.31 -14.22 -13.27
C HIS B 60 5.23 -13.44 -12.49
N ASP B 61 4.29 -12.80 -13.19
CA ASP B 61 3.15 -12.08 -12.56
C ASP B 61 2.19 -13.12 -11.98
N THR B 62 1.64 -12.85 -10.82
CA THR B 62 0.69 -13.77 -10.13
C THR B 62 -0.51 -12.94 -9.67
N LYS B 63 -1.65 -13.59 -9.49
CA LYS B 63 -2.89 -12.92 -9.04
C LYS B 63 -2.67 -12.33 -7.64
N ALA B 64 -1.94 -13.03 -6.78
CA ALA B 64 -1.73 -12.57 -5.39
C ALA B 64 -0.88 -11.31 -5.43
N LYS B 65 0.16 -11.26 -6.30
CA LYS B 65 0.99 -10.04 -6.39
C LYS B 65 0.18 -8.86 -6.96
N ALA B 66 -0.67 -9.08 -7.95
CA ALA B 66 -1.47 -8.00 -8.56
C ALA B 66 -2.40 -7.42 -7.46
N LYS B 67 -3.02 -8.27 -6.65
CA LYS B 67 -3.90 -7.79 -5.54
C LYS B 67 -3.08 -6.96 -4.55
N ALA B 68 -1.89 -7.46 -4.13
CA ALA B 68 -1.00 -6.75 -3.18
C ALA B 68 -0.65 -5.36 -3.72
N MET B 69 -0.37 -5.23 -5.03
CA MET B 69 0.05 -3.92 -5.60
C MET B 69 -1.16 -2.98 -5.75
N GLN B 70 -2.37 -3.49 -5.93
CA GLN B 70 -3.61 -2.65 -6.03
C GLN B 70 -3.94 -2.12 -4.65
N VAL B 71 -3.83 -2.98 -3.64
CA VAL B 71 -4.00 -2.54 -2.24
C VAL B 71 -2.94 -1.51 -1.84
N ALA B 72 -1.67 -1.70 -2.22
CA ALA B 72 -0.59 -0.75 -1.89
C ALA B 72 -0.94 0.63 -2.48
N LEU B 73 -1.43 0.69 -3.73
CA LEU B 73 -1.82 1.95 -4.42
C LEU B 73 -3.01 2.56 -3.68
N ALA B 74 -4.03 1.77 -3.36
CA ALA B 74 -5.22 2.27 -2.63
C ALA B 74 -4.83 2.85 -1.26
N SER B 75 -3.91 2.20 -0.54
N SER B 75 -3.91 2.20 -0.55
CA SER B 75 -3.50 2.57 0.85
CA SER B 75 -3.52 2.54 0.84
C SER B 75 -2.68 3.86 0.79
C SER B 75 -2.64 3.79 0.82
N SER B 76 -1.87 4.00 -0.26
CA SER B 76 -1.02 5.19 -0.43
C SER B 76 -1.90 6.40 -0.65
N ILE B 77 -2.99 6.25 -1.43
CA ILE B 77 -3.97 7.35 -1.67
C ILE B 77 -4.71 7.70 -0.36
N ALA B 78 -5.23 6.69 0.32
CA ALA B 78 -5.93 6.83 1.62
C ALA B 78 -5.01 7.52 2.64
N GLU B 79 -3.74 7.13 2.76
CA GLU B 79 -2.84 7.72 3.74
C GLU B 79 -2.56 9.18 3.42
N LEU B 80 -2.37 9.57 2.17
CA LEU B 80 -2.16 11.01 1.87
C LEU B 80 -3.42 11.80 2.18
N VAL B 81 -4.60 11.26 1.95
CA VAL B 81 -5.84 12.02 2.33
C VAL B 81 -5.77 12.40 3.81
N ILE B 82 -5.39 11.46 4.67
N ILE B 82 -5.39 11.46 4.67
CA ILE B 82 -5.23 11.68 6.13
CA ILE B 82 -5.24 11.69 6.13
C ILE B 82 -4.05 12.63 6.39
C ILE B 82 -4.05 12.63 6.38
N ALA B 83 -2.91 12.40 5.75
CA ALA B 83 -1.67 13.18 5.99
C ALA B 83 -1.91 14.63 5.57
N GLU B 84 -2.70 14.89 4.52
CA GLU B 84 -2.75 16.26 3.91
C GLU B 84 -3.78 17.11 4.65
N SER B 85 -4.80 16.48 5.24
CA SER B 85 -5.65 17.09 6.28
C SER B 85 -4.93 16.96 7.63
N SER B 86 -5.57 17.31 8.74
CA SER B 86 -5.01 17.04 10.09
C SER B 86 -6.09 16.48 11.02
N GLY B 87 -7.23 16.04 10.47
CA GLY B 87 -8.19 15.15 11.15
C GLY B 87 -9.64 15.51 10.85
N GLY B 88 -9.95 16.80 10.69
CA GLY B 88 -11.31 17.35 10.85
C GLY B 88 -12.21 17.11 9.64
N ASP B 89 -11.74 17.45 8.44
CA ASP B 89 -12.55 17.56 7.19
C ASP B 89 -12.46 16.25 6.37
N VAL B 90 -12.43 15.09 7.04
CA VAL B 90 -12.11 13.78 6.40
C VAL B 90 -13.25 13.39 5.45
N GLN B 91 -14.51 13.62 5.82
CA GLN B 91 -15.65 13.21 4.96
C GLN B 91 -15.63 13.99 3.65
N ARG B 92 -15.45 15.30 3.66
CA ARG B 92 -15.42 16.11 2.42
C ARG B 92 -14.27 15.62 1.53
N LYS B 93 -13.08 15.49 2.09
CA LYS B 93 -11.90 15.01 1.30
C LYS B 93 -12.12 13.60 0.79
N THR B 94 -12.75 12.72 1.55
CA THR B 94 -13.06 11.36 1.07
C THR B 94 -13.99 11.47 -0.14
N ASN B 95 -15.02 12.32 -0.06
CA ASN B 95 -15.95 12.50 -1.19
C ASN B 95 -15.19 13.05 -2.38
N VAL B 96 -14.32 14.03 -2.20
CA VAL B 96 -13.63 14.67 -3.34
C VAL B 96 -12.68 13.64 -3.98
N ILE B 97 -11.96 12.88 -3.17
CA ILE B 97 -10.98 11.88 -3.70
C ILE B 97 -11.76 10.79 -4.41
N SER B 98 -12.88 10.34 -3.85
CA SER B 98 -13.66 9.23 -4.46
C SER B 98 -14.15 9.68 -5.84
N ASN B 99 -14.63 10.91 -5.96
CA ASN B 99 -15.12 11.51 -7.23
C ASN B 99 -13.97 11.64 -8.25
N ALA B 100 -12.81 12.14 -7.82
CA ALA B 100 -11.59 12.26 -8.68
C ALA B 100 -11.16 10.87 -9.19
N LEU B 101 -11.21 9.85 -8.33
CA LEU B 101 -10.86 8.45 -8.69
C LEU B 101 -11.89 7.89 -9.67
N ARG B 102 -13.18 7.98 -9.34
CA ARG B 102 -14.22 7.45 -10.27
C ARG B 102 -14.10 8.05 -11.66
N ASN B 103 -13.90 9.37 -11.76
CA ASN B 103 -13.83 10.04 -13.09
C ASN B 103 -12.57 9.57 -13.80
N ALA B 104 -11.46 9.44 -13.10
CA ALA B 104 -10.19 9.04 -13.75
C ALA B 104 -10.26 7.57 -14.22
N LEU B 105 -10.85 6.68 -13.43
CA LEU B 105 -11.12 5.28 -13.82
C LEU B 105 -12.11 5.17 -15.02
N MET B 106 -13.25 5.87 -14.97
CA MET B 106 -14.22 5.89 -16.10
C MET B 106 -13.51 6.37 -17.37
N SER B 107 -12.79 7.51 -17.29
N SER B 107 -12.76 7.49 -17.30
CA SER B 107 -12.06 8.14 -18.42
CA SER B 107 -12.11 8.11 -18.48
C SER B 107 -11.09 7.16 -19.08
C SER B 107 -11.07 7.16 -19.10
N THR B 108 -10.33 6.39 -18.30
CA THR B 108 -9.17 5.59 -18.78
C THR B 108 -9.56 4.13 -19.01
N THR B 109 -10.64 3.63 -18.42
CA THR B 109 -11.05 2.18 -18.51
C THR B 109 -12.47 2.03 -19.07
N GLY B 110 -13.33 3.06 -18.93
CA GLY B 110 -14.80 2.98 -19.10
C GLY B 110 -15.56 2.16 -18.07
N SER B 111 -15.03 1.90 -16.86
CA SER B 111 -15.79 1.54 -15.64
C SER B 111 -15.43 2.50 -14.52
N PRO B 112 -16.32 2.76 -13.54
CA PRO B 112 -15.93 3.56 -12.37
C PRO B 112 -15.10 2.75 -11.35
N ASN B 113 -14.97 1.43 -11.56
N ASN B 113 -14.86 1.44 -11.62
CA ASN B 113 -14.15 0.51 -10.72
CA ASN B 113 -14.23 0.45 -10.70
C ASN B 113 -14.49 0.78 -9.24
C ASN B 113 -14.51 0.81 -9.24
N GLU B 114 -15.78 0.73 -8.84
CA GLU B 114 -16.24 1.14 -7.48
C GLU B 114 -15.62 0.24 -6.41
N GLU B 115 -15.26 -1.00 -6.75
CA GLU B 115 -14.49 -1.87 -5.82
C GLU B 115 -13.20 -1.18 -5.37
N PHE B 116 -12.39 -0.64 -6.29
CA PHE B 116 -11.14 0.05 -5.94
C PHE B 116 -11.46 1.26 -5.07
N VAL B 117 -12.44 2.08 -5.49
CA VAL B 117 -12.87 3.30 -4.75
C VAL B 117 -13.31 2.90 -3.33
N HIS B 118 -14.07 1.81 -3.16
CA HIS B 118 -14.56 1.38 -1.83
C HIS B 118 -13.38 1.02 -0.93
N GLU B 119 -12.39 0.31 -1.48
CA GLU B 119 -11.10 -0.03 -0.81
C GLU B 119 -10.45 1.22 -0.23
N VAL B 120 -10.25 2.24 -1.08
CA VAL B 120 -9.70 3.57 -0.66
C VAL B 120 -10.56 4.16 0.46
N GLN B 121 -11.90 4.16 0.35
CA GLN B 121 -12.80 4.72 1.42
C GLN B 121 -12.66 3.92 2.71
N ASP B 122 -12.52 2.60 2.65
CA ASP B 122 -12.32 1.77 3.85
C ASP B 122 -10.96 2.04 4.48
N LEU B 123 -9.92 2.18 3.65
CA LEU B 123 -8.55 2.47 4.13
C LEU B 123 -8.51 3.85 4.80
N ILE B 124 -9.19 4.85 4.25
CA ILE B 124 -9.26 6.18 4.94
C ILE B 124 -9.86 5.99 6.34
N GLN B 125 -10.97 5.26 6.45
CA GLN B 125 -11.63 5.02 7.75
C GLN B 125 -10.62 4.39 8.71
N MET B 126 -9.98 3.28 8.34
CA MET B 126 -9.13 2.48 9.26
C MET B 126 -7.86 3.26 9.57
N LEU B 127 -7.19 3.90 8.58
CA LEU B 127 -5.91 4.60 8.82
C LEU B 127 -6.09 5.80 9.75
N SER B 128 -7.24 6.47 9.70
CA SER B 128 -7.56 7.65 10.55
C SER B 128 -7.53 7.24 12.03
N GLN B 129 -7.50 5.93 12.35
CA GLN B 129 -7.33 5.38 13.73
C GLN B 129 -5.86 5.21 14.13
N GLU B 130 -4.88 5.20 13.22
CA GLU B 130 -3.55 4.56 13.50
C GLU B 130 -2.59 5.59 14.12
N GLN B 131 -1.64 5.11 14.92
CA GLN B 131 -0.66 5.92 15.69
C GLN B 131 0.17 6.83 14.77
N ILE B 132 0.57 6.34 13.60
CA ILE B 132 1.32 7.13 12.58
C ILE B 132 0.59 8.45 12.29
N ASN B 133 -0.74 8.48 12.46
CA ASN B 133 -1.58 9.63 12.03
C ASN B 133 -1.94 10.54 13.22
N GLU B 134 -1.54 10.18 14.44
CA GLU B 134 -1.73 10.98 15.68
C GLU B 134 -1.03 12.33 15.53
N VAL B 135 -1.71 13.43 15.81
CA VAL B 135 -1.12 14.81 15.85
C VAL B 135 -1.26 15.37 17.27
#